data_2ASP
#
_entry.id   2ASP
#
_cell.length_a   170.402
_cell.length_b   54.689
_cell.length_c   40.872
_cell.angle_alpha   90.00
_cell.angle_beta   95.81
_cell.angle_gamma   90.00
#
_symmetry.space_group_name_H-M   'C 1 2 1'
#
loop_
_entity.id
_entity.type
_entity.pdbx_description
1 polymer 'Actin, alpha skeletal muscle'
2 non-polymer 'CALCIUM ION'
3 non-polymer "ADENOSINE-5'-TRIPHOSPHATE"
4 non-polymer 'REIDISPONGIOLIDE C'
5 non-polymer 1,2-ETHANEDIOL
6 water water
#
_entity_poly.entity_id   1
_entity_poly.type   'polypeptide(L)'
_entity_poly.pdbx_seq_one_letter_code
;DEDETTALVCDNGSGLVKAGFAGDDAPRAVFPSIVGRPRHQGVMVGMGQKDSYVGDEAQSKRGILTLKYPIEHGIITNWD
DMEKIWHHTFYNELRVAPEEHPTLLTEAPLNPKANREKMTQIMFETFNVPAMYVAIQAVLSLYASGRTTGIVLDSGDGVT
HNVPIYEGYALPHAIMRLDLAGRDLTDYLMKILTERGYSFVTTAEREIVRDIKEKLCYVALDFENEMATAASSSSLEKSY
ELPDGQVITIGNERFRCPETLFQPSFIGMESAGIHETTYNSIMKCDIDIRKDLYANNVMSGGTTMYPGIADRMQKEITAL
APSTMKIKIIAPPERKYSVWIGGSILASLSTFQQMWITKQEYDEAGPSIVHRKCF
;
_entity_poly.pdbx_strand_id   A
#
# COMPACT_ATOMS: atom_id res chain seq x y z
CA THR A 5 -20.06 4.30 -19.16
C THR A 5 -18.79 3.59 -18.72
N THR A 6 -17.70 4.34 -18.60
CA THR A 6 -16.47 3.77 -18.07
C THR A 6 -16.45 3.99 -16.58
N ALA A 7 -16.07 2.96 -15.87
CA ALA A 7 -15.97 3.04 -14.41
C ALA A 7 -14.67 3.70 -14.00
N LEU A 8 -14.68 4.34 -12.84
CA LEU A 8 -13.49 4.90 -12.21
C LEU A 8 -13.01 3.95 -11.12
N VAL A 9 -11.70 3.94 -10.92
CA VAL A 9 -11.10 3.14 -9.87
C VAL A 9 -10.20 4.04 -9.05
N CYS A 10 -10.51 4.16 -7.76
CA CYS A 10 -9.74 5.00 -6.85
C CYS A 10 -9.20 4.18 -5.71
N ASP A 11 -7.88 4.02 -5.66
CA ASP A 11 -7.21 3.30 -4.58
C ASP A 11 -6.60 4.33 -3.63
N ASN A 12 -7.21 4.49 -2.46
CA ASN A 12 -6.78 5.55 -1.53
C ASN A 12 -5.84 4.96 -0.47
N GLY A 13 -4.57 5.34 -0.54
CA GLY A 13 -3.55 4.87 0.40
C GLY A 13 -3.17 5.95 1.40
N SER A 14 -2.48 5.52 2.47
CA SER A 14 -1.94 6.43 3.50
C SER A 14 -1.01 7.49 2.91
N GLY A 15 -0.18 7.06 1.97
CA GLY A 15 0.80 7.91 1.31
C GLY A 15 0.35 8.47 -0.03
N LEU A 16 -0.20 7.59 -0.87
CA LEU A 16 -0.51 7.95 -2.25
C LEU A 16 -1.91 7.50 -2.63
N VAL A 17 -2.56 8.35 -3.43
CA VAL A 17 -3.80 8.00 -4.12
C VAL A 17 -3.40 7.51 -5.51
N LYS A 18 -3.95 6.37 -5.92
CA LYS A 18 -3.75 5.86 -7.28
C LYS A 18 -5.15 5.84 -7.91
N ALA A 19 -5.35 6.62 -8.96
CA ALA A 19 -6.68 6.70 -9.56
C ALA A 19 -6.66 6.68 -11.07
N GLY A 20 -7.77 6.23 -11.64
CA GLY A 20 -7.86 6.12 -13.10
C GLY A 20 -9.16 5.50 -13.55
N PHE A 21 -9.14 5.00 -14.79
CA PHE A 21 -10.31 4.45 -15.45
C PHE A 21 -10.16 2.93 -15.56
N ALA A 22 -11.24 2.21 -15.26
CA ALA A 22 -11.27 0.76 -15.44
C ALA A 22 -10.92 0.46 -16.89
N GLY A 23 -10.08 -0.55 -17.10
CA GLY A 23 -9.64 -0.90 -18.46
C GLY A 23 -8.31 -0.34 -18.86
N ASP A 24 -7.84 0.70 -18.17
CA ASP A 24 -6.48 1.18 -18.37
C ASP A 24 -5.52 0.21 -17.68
N ASP A 25 -4.28 0.19 -18.17
CA ASP A 25 -3.26 -0.72 -17.68
C ASP A 25 -2.64 -0.26 -16.37
N ALA A 26 -2.74 1.05 -16.12
CA ALA A 26 -2.18 1.64 -14.91
C ALA A 26 -2.99 2.89 -14.53
N PRO A 27 -2.86 3.33 -13.27
CA PRO A 27 -3.56 4.54 -12.87
C PRO A 27 -3.00 5.77 -13.54
N ARG A 28 -3.88 6.60 -14.10
CA ARG A 28 -3.47 7.87 -14.72
C ARG A 28 -2.93 8.89 -13.74
N ALA A 29 -3.43 8.84 -12.51
CA ALA A 29 -3.08 9.84 -11.52
C ALA A 29 -2.58 9.12 -10.27
N VAL A 30 -1.39 9.53 -9.83
CA VAL A 30 -0.78 9.02 -8.63
C VAL A 30 -0.25 10.26 -7.92
N PHE A 31 -0.75 10.54 -6.73
CA PHE A 31 -0.38 11.78 -6.04
C PHE A 31 -0.47 11.63 -4.52
N PRO A 32 0.27 12.47 -3.75
CA PRO A 32 0.26 12.33 -2.28
C PRO A 32 -1.10 12.57 -1.63
N SER A 33 -1.43 11.73 -0.67
CA SER A 33 -2.70 11.80 0.05
C SER A 33 -2.64 12.86 1.14
N ILE A 34 -2.54 14.12 0.72
CA ILE A 34 -2.36 15.24 1.63
C ILE A 34 -3.28 16.39 1.26
N VAL A 35 -3.74 17.09 2.28
CA VAL A 35 -4.53 18.30 2.11
C VAL A 35 -3.83 19.37 2.94
N GLY A 36 -3.56 20.52 2.31
CA GLY A 36 -2.91 21.64 2.99
C GLY A 36 -3.80 22.86 3.08
N ARG A 37 -3.77 23.53 4.23
CA ARG A 37 -4.52 24.77 4.45
C ARG A 37 -3.52 25.87 4.86
N PRO A 38 -3.76 27.13 4.43
CA PRO A 38 -2.86 28.25 4.74
C PRO A 38 -2.50 28.38 6.23
N ARG A 39 -1.22 28.61 6.51
CA ARG A 39 -0.74 28.79 7.89
C ARG A 39 -1.32 30.07 8.49
N HIS A 40 -1.49 31.10 7.67
CA GLN A 49 -4.09 31.77 -1.34
C GLN A 49 -5.50 31.36 -1.77
N LYS A 50 -5.66 30.08 -2.09
CA LYS A 50 -6.98 29.44 -2.10
C LYS A 50 -7.16 28.82 -0.72
N ASP A 51 -8.36 28.34 -0.43
CA ASP A 51 -8.73 27.89 0.91
C ASP A 51 -8.06 26.55 1.31
N SER A 52 -7.84 25.69 0.31
CA SER A 52 -7.12 24.43 0.53
C SER A 52 -6.40 24.00 -0.76
N TYR A 53 -5.40 23.13 -0.60
CA TYR A 53 -4.66 22.53 -1.71
C TYR A 53 -4.54 21.04 -1.47
N VAL A 54 -4.42 20.27 -2.55
CA VAL A 54 -4.37 18.81 -2.46
C VAL A 54 -3.21 18.27 -3.28
N GLY A 55 -2.64 17.16 -2.85
CA GLY A 55 -1.69 16.43 -3.68
C GLY A 55 -0.36 17.12 -3.82
N ASP A 56 0.21 17.08 -5.03
CA ASP A 56 1.55 17.62 -5.25
C ASP A 56 1.63 19.12 -5.04
N GLU A 57 0.57 19.84 -5.40
CA GLU A 57 0.55 21.28 -5.16
C GLU A 57 0.61 21.60 -3.67
N ALA A 58 -0.11 20.85 -2.85
CA ALA A 58 0.02 20.97 -1.41
C ALA A 58 1.45 20.66 -0.96
N GLN A 59 2.07 19.66 -1.60
CA GLN A 59 3.45 19.29 -1.28
C GLN A 59 4.42 20.40 -1.68
N SER A 60 4.32 20.89 -2.90
CA SER A 60 5.21 21.96 -3.36
C SER A 60 5.03 23.23 -2.52
N LYS A 61 3.78 23.57 -2.19
CA LYS A 61 3.51 24.75 -1.35
C LYS A 61 3.54 24.46 0.16
N ARG A 62 4.14 23.35 0.58
CA ARG A 62 4.08 22.93 1.99
C ARG A 62 4.62 23.97 2.99
N GLY A 63 5.54 24.82 2.53
CA GLY A 63 6.14 25.85 3.39
C GLY A 63 5.16 26.84 3.98
N ILE A 64 4.07 27.11 3.26
CA ILE A 64 3.06 28.06 3.73
C ILE A 64 1.74 27.40 4.15
N LEU A 65 1.75 26.07 4.26
CA LEU A 65 0.53 25.33 4.62
C LEU A 65 0.73 24.45 5.85
N THR A 66 -0.38 24.15 6.53
CA THR A 66 -0.43 23.06 7.49
C THR A 66 -0.98 21.85 6.75
N LEU A 67 -0.24 20.74 6.79
CA LEU A 67 -0.64 19.54 6.05
C LEU A 67 -1.37 18.54 6.94
N LYS A 68 -2.41 17.93 6.39
CA LYS A 68 -3.15 16.86 7.03
C LYS A 68 -3.05 15.63 6.13
N TYR A 69 -3.04 14.46 6.76
CA TYR A 69 -2.95 13.16 6.08
C TYR A 69 -4.17 12.38 6.51
N PRO A 70 -5.27 12.44 5.73
CA PRO A 70 -6.57 11.91 6.13
C PRO A 70 -6.68 10.40 6.22
N ILE A 71 -5.71 9.68 5.68
CA ILE A 71 -5.63 8.22 5.81
C ILE A 71 -4.42 7.86 6.65
N GLU A 72 -4.68 7.22 7.79
CA GLU A 72 -3.63 6.79 8.72
C GLU A 72 -3.69 5.29 8.87
N HIS A 73 -2.55 4.65 8.63
CA HIS A 73 -2.43 3.19 8.66
C HIS A 73 -3.54 2.52 7.84
N GLY A 74 -3.84 3.12 6.68
CA GLY A 74 -4.85 2.58 5.79
C GLY A 74 -6.30 2.93 6.04
N ILE A 75 -6.59 3.57 7.17
CA ILE A 75 -7.95 3.88 7.62
C ILE A 75 -8.22 5.36 7.43
N ILE A 76 -9.34 5.71 6.81
CA ILE A 76 -9.73 7.13 6.69
C ILE A 76 -10.13 7.67 8.06
N THR A 77 -9.42 8.71 8.51
CA THR A 77 -9.64 9.30 9.84
C THR A 77 -10.14 10.75 9.81
N ASN A 78 -10.21 11.37 8.63
CA ASN A 78 -10.63 12.77 8.51
C ASN A 78 -11.54 12.92 7.29
N TRP A 79 -12.84 12.97 7.51
CA TRP A 79 -13.82 12.91 6.42
C TRP A 79 -13.90 14.20 5.60
N ASP A 80 -13.74 15.36 6.22
CA ASP A 80 -13.78 16.61 5.45
C ASP A 80 -12.60 16.68 4.47
N ASP A 81 -11.42 16.29 4.94
CA ASP A 81 -10.25 16.29 4.07
C ASP A 81 -10.28 15.14 3.07
N MET A 82 -10.88 14.01 3.43
CA MET A 82 -11.00 12.92 2.44
C MET A 82 -11.90 13.33 1.27
N GLU A 83 -12.96 14.07 1.59
CA GLU A 83 -13.85 14.58 0.55
C GLU A 83 -13.07 15.48 -0.40
N LYS A 84 -12.19 16.32 0.15
CA LYS A 84 -11.33 17.16 -0.67
C LYS A 84 -10.40 16.34 -1.57
N ILE A 85 -9.85 15.25 -1.03
CA ILE A 85 -9.01 14.35 -1.84
C ILE A 85 -9.80 13.75 -3.01
N TRP A 86 -10.99 13.22 -2.72
CA TRP A 86 -11.83 12.65 -3.77
C TRP A 86 -12.25 13.68 -4.82
N HIS A 87 -12.62 14.86 -4.34
CA HIS A 87 -13.03 15.92 -5.26
C HIS A 87 -11.87 16.30 -6.17
N HIS A 88 -10.68 16.42 -5.60
CA HIS A 88 -9.49 16.75 -6.39
C HIS A 88 -9.22 15.65 -7.42
N THR A 89 -9.36 14.40 -6.99
CA THR A 89 -9.15 13.27 -7.89
C THR A 89 -10.06 13.36 -9.13
N PHE A 90 -11.35 13.60 -8.89
CA PHE A 90 -12.31 13.64 -9.99
C PHE A 90 -12.13 14.89 -10.84
N TYR A 91 -12.18 16.06 -10.20
CA TYR A 91 -12.26 17.34 -10.91
C TYR A 91 -10.92 17.76 -11.51
N ASN A 92 -9.84 17.62 -10.74
CA ASN A 92 -8.53 18.12 -11.16
C ASN A 92 -7.69 17.09 -11.91
N GLU A 93 -7.56 15.90 -11.33
CA GLU A 93 -6.63 14.91 -11.85
C GLU A 93 -7.20 14.13 -13.02
N LEU A 94 -8.42 13.61 -12.88
CA LEU A 94 -9.02 12.81 -13.96
C LEU A 94 -9.92 13.60 -14.93
N ARG A 95 -10.31 14.82 -14.54
CA ARG A 95 -11.20 15.68 -15.33
C ARG A 95 -12.51 14.96 -15.70
N VAL A 96 -13.15 14.39 -14.69
CA VAL A 96 -14.41 13.67 -14.85
C VAL A 96 -15.48 14.22 -13.94
N ALA A 97 -16.73 14.07 -14.37
CA ALA A 97 -17.91 14.33 -13.55
C ALA A 97 -18.30 13.00 -12.91
N PRO A 98 -18.15 12.88 -11.57
CA PRO A 98 -18.40 11.57 -10.98
C PRO A 98 -19.85 11.10 -11.10
N GLU A 99 -20.79 12.01 -11.33
CA GLU A 99 -22.19 11.63 -11.54
C GLU A 99 -22.40 10.81 -12.82
N GLU A 100 -21.38 10.76 -13.69
CA GLU A 100 -21.44 10.04 -14.95
C GLU A 100 -20.75 8.67 -14.93
N HIS A 101 -20.14 8.27 -13.80
CA HIS A 101 -19.34 7.04 -13.78
C HIS A 101 -19.53 6.21 -12.53
N PRO A 102 -19.80 4.91 -12.69
CA PRO A 102 -19.67 3.98 -11.58
C PRO A 102 -18.26 4.10 -11.01
N THR A 103 -18.14 4.12 -9.67
CA THR A 103 -16.88 4.36 -9.04
C THR A 103 -16.55 3.25 -8.03
N LEU A 104 -15.43 2.58 -8.25
CA LEU A 104 -14.93 1.55 -7.34
C LEU A 104 -13.84 2.14 -6.44
N LEU A 105 -14.03 2.02 -5.13
CA LEU A 105 -13.08 2.49 -4.16
C LEU A 105 -12.46 1.30 -3.48
N THR A 106 -11.30 1.51 -2.87
CA THR A 106 -10.66 0.46 -2.10
C THR A 106 -10.65 0.82 -0.61
N GLU A 107 -10.43 -0.19 0.21
CA GLU A 107 -10.38 -0.03 1.66
C GLU A 107 -9.39 -0.99 2.28
N ALA A 108 -8.99 -0.67 3.50
CA ALA A 108 -8.10 -1.53 4.24
C ALA A 108 -8.82 -2.78 4.73
N PRO A 109 -8.06 -3.86 4.95
CA PRO A 109 -8.56 -5.00 5.68
C PRO A 109 -9.04 -4.52 7.05
N LEU A 110 -10.12 -5.11 7.54
CA LEU A 110 -10.66 -4.81 8.88
C LEU A 110 -11.17 -3.38 9.02
N ASN A 111 -11.52 -2.75 7.91
CA ASN A 111 -12.11 -1.41 7.92
C ASN A 111 -13.43 -1.44 8.70
N PRO A 112 -13.58 -0.57 9.72
CA PRO A 112 -14.79 -0.57 10.53
C PRO A 112 -16.06 -0.29 9.74
N LYS A 113 -17.17 -0.85 10.18
CA LYS A 113 -18.43 -0.75 9.44
C LYS A 113 -18.84 0.71 9.24
N ALA A 114 -18.64 1.54 10.26
CA ALA A 114 -19.04 2.96 10.21
C ALA A 114 -18.29 3.67 9.11
N ASN A 115 -17.04 3.25 8.93
CA ASN A 115 -16.14 3.80 7.94
C ASN A 115 -16.61 3.54 6.51
N ARG A 116 -16.91 2.27 6.23
CA ARG A 116 -17.46 1.92 4.91
C ARG A 116 -18.81 2.57 4.67
N GLU A 117 -19.62 2.71 5.72
CA GLU A 117 -20.89 3.45 5.58
C GLU A 117 -20.66 4.90 5.15
N LYS A 118 -19.69 5.56 5.76
CA LYS A 118 -19.45 6.98 5.49
C LYS A 118 -18.90 7.18 4.07
N MET A 119 -18.01 6.28 3.66
CA MET A 119 -17.51 6.29 2.27
C MET A 119 -18.67 6.23 1.28
N THR A 120 -19.59 5.32 1.55
CA THR A 120 -20.73 5.09 0.68
C THR A 120 -21.64 6.32 0.67
N GLN A 121 -21.98 6.82 1.86
CA GLN A 121 -22.77 8.03 1.98
C GLN A 121 -22.20 9.17 1.15
N ILE A 122 -20.90 9.39 1.28
CA ILE A 122 -20.25 10.54 0.63
C ILE A 122 -20.30 10.36 -0.90
N MET A 123 -20.03 9.15 -1.38
CA MET A 123 -20.06 8.92 -2.83
C MET A 123 -21.43 9.20 -3.44
N PHE A 124 -22.49 8.74 -2.79
CA PHE A 124 -23.83 8.95 -3.33
C PHE A 124 -24.35 10.35 -3.04
N GLU A 125 -24.15 10.86 -1.84
CA GLU A 125 -24.75 12.15 -1.45
C GLU A 125 -23.95 13.38 -1.86
N THR A 126 -22.63 13.31 -1.77
CA THR A 126 -21.77 14.45 -2.12
C THR A 126 -21.41 14.41 -3.60
N PHE A 127 -21.02 13.24 -4.09
CA PHE A 127 -20.55 13.13 -5.48
C PHE A 127 -21.59 12.63 -6.48
N ASN A 128 -22.74 12.17 -5.99
CA ASN A 128 -23.87 11.79 -6.83
C ASN A 128 -23.53 10.71 -7.86
N VAL A 129 -22.71 9.75 -7.45
CA VAL A 129 -22.32 8.69 -8.36
C VAL A 129 -23.55 7.85 -8.70
N PRO A 130 -23.60 7.30 -9.92
CA PRO A 130 -24.69 6.43 -10.34
C PRO A 130 -24.60 5.03 -9.72
N ALA A 131 -23.39 4.64 -9.33
CA ALA A 131 -23.14 3.34 -8.75
C ALA A 131 -21.77 3.37 -8.09
N MET A 132 -21.56 2.48 -7.11
CA MET A 132 -20.28 2.40 -6.43
C MET A 132 -20.06 1.01 -5.85
N TYR A 133 -18.82 0.73 -5.51
CA TYR A 133 -18.44 -0.50 -4.85
C TYR A 133 -17.20 -0.19 -4.03
N VAL A 134 -17.03 -0.91 -2.92
CA VAL A 134 -15.81 -0.85 -2.11
C VAL A 134 -15.22 -2.26 -2.00
N ALA A 135 -13.94 -2.38 -2.32
CA ALA A 135 -13.24 -3.66 -2.24
C ALA A 135 -12.00 -3.57 -1.35
N ILE A 136 -11.68 -4.67 -0.69
CA ILE A 136 -10.47 -4.78 0.11
C ILE A 136 -9.20 -4.76 -0.76
N GLN A 137 -8.26 -3.88 -0.42
CA GLN A 137 -7.04 -3.68 -1.22
C GLN A 137 -6.28 -5.00 -1.52
N ALA A 138 -6.00 -5.80 -0.49
CA ALA A 138 -5.28 -7.06 -0.66
C ALA A 138 -6.00 -8.03 -1.58
N VAL A 139 -7.32 -8.08 -1.51
CA VAL A 139 -8.10 -8.95 -2.38
C VAL A 139 -7.91 -8.53 -3.86
N LEU A 140 -7.97 -7.22 -4.10
CA LEU A 140 -7.72 -6.72 -5.45
C LEU A 140 -6.33 -7.09 -5.96
N SER A 141 -5.32 -6.98 -5.10
CA SER A 141 -3.96 -7.35 -5.47
C SER A 141 -3.88 -8.84 -5.89
N LEU A 142 -4.58 -9.69 -5.15
CA LEU A 142 -4.61 -11.12 -5.44
C LEU A 142 -5.25 -11.30 -6.82
N TYR A 143 -6.37 -10.63 -7.06
CA TYR A 143 -7.02 -10.72 -8.37
C TYR A 143 -6.07 -10.32 -9.50
N ALA A 144 -5.29 -9.26 -9.30
CA ALA A 144 -4.35 -8.79 -10.32
C ALA A 144 -3.29 -9.82 -10.66
N SER A 145 -2.97 -10.67 -9.70
CA SER A 145 -2.01 -11.76 -9.89
C SER A 145 -2.63 -12.94 -10.62
N GLY A 146 -3.93 -12.88 -10.92
CA GLY A 146 -4.57 -13.90 -11.72
C GLY A 146 -5.09 -15.07 -10.94
N ARG A 147 -5.43 -14.87 -9.67
CA ARG A 147 -5.96 -15.94 -8.85
C ARG A 147 -6.94 -15.42 -7.80
N THR A 148 -7.70 -16.34 -7.22
CA THR A 148 -8.66 -15.97 -6.16
C THR A 148 -8.40 -16.61 -4.80
N THR A 149 -7.35 -17.43 -4.70
CA THR A 149 -6.95 -18.00 -3.43
C THR A 149 -5.45 -17.78 -3.22
N GLY A 150 -5.08 -17.35 -2.02
CA GLY A 150 -3.69 -17.11 -1.70
C GLY A 150 -3.57 -16.23 -0.48
N ILE A 151 -2.33 -15.89 -0.12
CA ILE A 151 -2.12 -15.01 1.04
C ILE A 151 -1.29 -13.84 0.57
N VAL A 152 -1.82 -12.64 0.81
CA VAL A 152 -1.19 -11.40 0.37
C VAL A 152 -0.43 -10.78 1.53
N LEU A 153 0.77 -10.29 1.24
CA LEU A 153 1.49 -9.40 2.11
C LEU A 153 1.42 -8.06 1.41
N ASP A 154 0.67 -7.12 1.98
CA ASP A 154 0.51 -5.79 1.38
C ASP A 154 1.21 -4.81 2.33
N SER A 155 2.22 -4.12 1.82
CA SER A 155 3.01 -3.19 2.64
C SER A 155 3.15 -1.89 1.87
N GLY A 156 2.63 -0.80 2.43
CA GLY A 156 2.61 0.49 1.77
C GLY A 156 3.46 1.50 2.51
N ASP A 157 2.93 2.71 2.67
CA ASP A 157 3.67 3.76 3.36
C ASP A 157 3.39 3.81 4.87
N GLY A 158 2.20 3.36 5.28
CA GLY A 158 1.76 3.49 6.66
C GLY A 158 1.42 2.21 7.39
N VAL A 159 1.09 1.15 6.67
CA VAL A 159 0.69 -0.11 7.30
C VAL A 159 1.09 -1.31 6.44
N THR A 160 1.26 -2.44 7.12
CA THR A 160 1.50 -3.74 6.49
C THR A 160 0.47 -4.72 7.00
N HIS A 161 -0.10 -5.51 6.08
CA HIS A 161 -1.05 -6.56 6.44
C HIS A 161 -0.69 -7.89 5.78
N ASN A 162 -0.98 -8.99 6.47
CA ASN A 162 -1.15 -10.29 5.84
C ASN A 162 -2.62 -10.59 5.77
N VAL A 163 -3.08 -10.93 4.57
CA VAL A 163 -4.47 -11.19 4.31
C VAL A 163 -4.62 -12.51 3.55
N PRO A 164 -4.99 -13.60 4.27
CA PRO A 164 -5.32 -14.84 3.59
C PRO A 164 -6.70 -14.74 2.97
N ILE A 165 -6.82 -15.27 1.75
CA ILE A 165 -8.01 -15.13 0.94
C ILE A 165 -8.34 -16.49 0.34
N TYR A 166 -9.60 -16.92 0.46
CA TYR A 166 -10.01 -18.19 -0.14
C TYR A 166 -11.22 -18.01 -1.05
N GLU A 167 -11.08 -18.40 -2.31
CA GLU A 167 -12.15 -18.32 -3.29
C GLU A 167 -12.73 -16.92 -3.36
N GLY A 168 -11.84 -15.93 -3.24
CA GLY A 168 -12.17 -14.55 -3.50
C GLY A 168 -12.46 -13.72 -2.28
N TYR A 169 -12.54 -14.35 -1.11
CA TYR A 169 -12.92 -13.64 0.10
C TYR A 169 -11.88 -13.71 1.24
N ALA A 170 -11.62 -12.55 1.85
CA ALA A 170 -10.63 -12.45 2.92
C ALA A 170 -11.18 -13.18 4.13
N LEU A 171 -10.26 -13.72 4.93
CA LEU A 171 -10.60 -14.50 6.10
C LEU A 171 -10.26 -13.64 7.32
N PRO A 172 -11.24 -12.88 7.82
CA PRO A 172 -10.93 -11.83 8.82
C PRO A 172 -10.21 -12.27 10.10
N HIS A 173 -10.55 -13.46 10.58
CA HIS A 173 -9.98 -13.99 11.81
C HIS A 173 -8.47 -14.20 11.72
N ALA A 174 -7.93 -14.32 10.49
CA ALA A 174 -6.53 -14.64 10.29
C ALA A 174 -5.71 -13.46 9.73
N ILE A 175 -6.35 -12.30 9.57
CA ILE A 175 -5.62 -11.12 9.09
C ILE A 175 -4.69 -10.61 10.16
N MET A 176 -3.47 -10.25 9.76
CA MET A 176 -2.48 -9.66 10.66
C MET A 176 -2.21 -8.25 10.22
N ARG A 177 -2.19 -7.31 11.18
CA ARG A 177 -1.84 -5.91 10.91
C ARG A 177 -0.55 -5.55 11.64
N LEU A 178 0.38 -4.90 10.94
CA LEU A 178 1.66 -4.47 11.49
C LEU A 178 1.83 -2.99 11.18
N ASP A 179 1.95 -2.15 12.21
CA ASP A 179 2.15 -0.71 11.97
C ASP A 179 3.63 -0.42 11.77
N LEU A 180 4.17 -1.02 10.72
CA LEU A 180 5.52 -0.77 10.27
C LEU A 180 5.44 -0.84 8.77
N ALA A 181 5.81 0.25 8.10
CA ALA A 181 5.81 0.27 6.65
C ALA A 181 6.80 1.31 6.11
N GLY A 182 6.56 1.80 4.89
CA GLY A 182 7.54 2.60 4.18
C GLY A 182 8.04 3.82 4.93
N ARG A 183 7.13 4.54 5.60
CA ARG A 183 7.54 5.78 6.30
C ARG A 183 8.51 5.47 7.44
N ASP A 184 8.30 4.35 8.12
CA ASP A 184 9.21 3.90 9.16
C ASP A 184 10.58 3.56 8.57
N LEU A 185 10.59 2.91 7.41
CA LEU A 185 11.87 2.60 6.74
C LEU A 185 12.61 3.85 6.29
N THR A 186 11.87 4.83 5.75
CA THR A 186 12.49 6.11 5.39
C THR A 186 13.13 6.76 6.61
N ASP A 187 12.39 6.79 7.73
CA ASP A 187 12.90 7.44 8.94
C ASP A 187 14.14 6.72 9.47
N TYR A 188 14.13 5.39 9.39
CA TYR A 188 15.27 4.59 9.85
C TYR A 188 16.48 4.83 8.97
N LEU A 189 16.28 4.93 7.65
CA LEU A 189 17.39 5.22 6.76
C LEU A 189 18.00 6.61 7.06
N MET A 190 17.14 7.59 7.34
CA MET A 190 17.63 8.92 7.74
C MET A 190 18.55 8.79 8.95
N LYS A 191 18.08 8.02 9.94
CA LYS A 191 18.80 7.82 11.21
C LYS A 191 20.15 7.19 11.00
N ILE A 192 20.19 6.08 10.26
CA ILE A 192 21.45 5.38 10.07
C ILE A 192 22.44 6.10 9.15
N LEU A 193 21.95 6.85 8.17
CA LEU A 193 22.85 7.69 7.37
C LEU A 193 23.40 8.82 8.21
N THR A 194 22.60 9.33 9.14
CA THR A 194 23.08 10.38 10.05
C THR A 194 24.18 9.76 10.95
N GLU A 195 23.95 8.55 11.47
CA GLU A 195 24.98 7.84 12.28
C GLU A 195 26.29 7.60 11.53
N ARG A 196 26.21 7.45 10.20
CA ARG A 196 27.37 7.28 9.34
C ARG A 196 28.22 8.56 9.29
N GLY A 197 27.59 9.70 9.57
CA GLY A 197 28.29 10.98 9.62
C GLY A 197 27.70 12.04 8.69
N TYR A 198 26.68 11.69 7.94
CA TYR A 198 25.91 12.67 7.17
C TYR A 198 24.90 13.29 8.11
N SER A 199 24.07 14.20 7.61
CA SER A 199 23.01 14.77 8.43
C SER A 199 21.73 14.82 7.61
N PHE A 200 20.83 13.88 7.88
CA PHE A 200 19.53 13.84 7.25
C PHE A 200 18.49 13.93 8.34
N VAL A 201 17.96 15.14 8.53
CA VAL A 201 17.03 15.42 9.60
C VAL A 201 15.81 16.27 9.21
N THR A 202 15.93 17.11 8.18
CA THR A 202 14.84 18.05 7.88
C THR A 202 13.78 17.42 6.99
N THR A 203 12.66 18.12 6.83
CA THR A 203 11.57 17.62 6.01
C THR A 203 12.03 17.47 4.55
N ALA A 204 12.86 18.38 4.04
CA ALA A 204 13.38 18.24 2.67
C ALA A 204 14.33 17.04 2.57
N GLU A 205 15.07 16.81 3.65
CA GLU A 205 16.02 15.70 3.68
C GLU A 205 15.28 14.36 3.75
N ARG A 206 14.11 14.35 4.36
CA ARG A 206 13.29 13.15 4.38
C ARG A 206 12.90 12.75 2.96
N GLU A 207 12.53 13.74 2.15
CA GLU A 207 12.18 13.47 0.75
C GLU A 207 13.36 12.93 -0.04
N ILE A 208 14.54 13.47 0.21
CA ILE A 208 15.75 12.98 -0.44
C ILE A 208 16.01 11.53 -0.02
N VAL A 209 15.89 11.25 1.27
CA VAL A 209 16.18 9.90 1.75
C VAL A 209 15.15 8.89 1.24
N ARG A 210 13.89 9.31 1.09
CA ARG A 210 12.91 8.45 0.44
C ARG A 210 13.36 8.04 -0.97
N ASP A 211 13.92 8.99 -1.71
CA ASP A 211 14.45 8.72 -3.03
C ASP A 211 15.63 7.73 -2.96
N ILE A 212 16.52 7.95 -2.00
CA ILE A 212 17.68 7.07 -1.83
C ILE A 212 17.15 5.64 -1.57
N LYS A 213 16.18 5.54 -0.68
CA LYS A 213 15.58 4.27 -0.32
C LYS A 213 15.01 3.56 -1.55
N GLU A 214 14.24 4.29 -2.34
CA GLU A 214 13.56 3.71 -3.52
C GLU A 214 14.50 3.35 -4.65
N LYS A 215 15.68 3.98 -4.70
CA LYS A 215 16.63 3.77 -5.79
C LYS A 215 17.74 2.79 -5.47
N LEU A 216 18.18 2.73 -4.22
CA LEU A 216 19.39 2.00 -3.88
C LEU A 216 19.25 0.87 -2.86
N CYS A 217 18.11 0.77 -2.17
CA CYS A 217 17.97 -0.26 -1.12
C CYS A 217 17.65 -1.61 -1.73
N TYR A 218 17.92 -2.67 -0.97
CA TYR A 218 17.63 -4.04 -1.39
C TYR A 218 17.60 -4.93 -0.16
N VAL A 219 16.97 -6.08 -0.30
CA VAL A 219 16.89 -7.06 0.78
C VAL A 219 18.00 -8.09 0.58
N ALA A 220 18.86 -8.21 1.59
CA ALA A 220 19.95 -9.19 1.54
C ALA A 220 19.37 -10.60 1.71
N LEU A 221 19.92 -11.58 1.01
CA LEU A 221 19.45 -12.96 1.20
C LEU A 221 19.86 -13.48 2.58
N ASP A 222 21.00 -13.01 3.07
CA ASP A 222 21.49 -13.29 4.41
C ASP A 222 22.12 -12.03 5.01
N PHE A 223 21.52 -11.54 6.08
CA PHE A 223 21.96 -10.30 6.70
C PHE A 223 23.44 -10.34 7.11
N GLU A 224 23.85 -11.40 7.80
CA GLU A 224 25.20 -11.44 8.34
C GLU A 224 26.23 -11.48 7.22
N ASN A 225 26.02 -12.34 6.22
CA ASN A 225 26.93 -12.44 5.09
C ASN A 225 27.09 -11.05 4.46
N GLU A 226 25.97 -10.35 4.31
CA GLU A 226 26.00 -9.06 3.64
C GLU A 226 26.72 -8.01 4.47
N MET A 227 26.51 -8.03 5.79
CA MET A 227 27.26 -7.15 6.68
C MET A 227 28.76 -7.43 6.59
N ALA A 228 29.13 -8.70 6.47
CA ALA A 228 30.55 -9.07 6.41
C ALA A 228 31.16 -8.56 5.11
N THR A 229 30.45 -8.71 4.01
CA THR A 229 30.90 -8.18 2.70
C THR A 229 31.10 -6.66 2.80
N ALA A 230 30.13 -5.98 3.38
CA ALA A 230 30.21 -4.53 3.50
C ALA A 230 31.36 -4.07 4.39
N ALA A 231 31.70 -4.86 5.40
CA ALA A 231 32.80 -4.54 6.32
C ALA A 231 34.19 -4.70 5.70
N SER A 232 34.30 -5.52 4.66
CA SER A 232 35.60 -5.99 4.20
C SER A 232 35.92 -5.59 2.76
N SER A 233 34.99 -4.90 2.11
CA SER A 233 35.14 -4.47 0.73
C SER A 233 34.23 -3.28 0.49
N SER A 234 34.48 -2.56 -0.60
CA SER A 234 33.61 -1.49 -1.07
C SER A 234 32.61 -1.96 -2.15
N SER A 235 32.48 -3.26 -2.36
CA SER A 235 31.70 -3.82 -3.48
C SER A 235 30.21 -3.54 -3.46
N LEU A 236 29.67 -3.21 -2.28
CA LEU A 236 28.24 -2.91 -2.13
C LEU A 236 27.96 -1.42 -2.05
N GLU A 237 28.99 -0.59 -2.09
CA GLU A 237 28.85 0.84 -1.94
C GLU A 237 28.33 1.46 -3.24
N LYS A 238 27.39 2.41 -3.10
CA LYS A 238 26.88 3.14 -4.27
C LYS A 238 26.89 4.64 -3.99
N SER A 239 27.07 5.41 -5.07
CA SER A 239 27.09 6.86 -5.01
C SER A 239 25.70 7.41 -5.24
N TYR A 240 25.41 8.52 -4.59
CA TYR A 240 24.13 9.20 -4.73
C TYR A 240 24.37 10.70 -4.74
N GLU A 241 23.89 11.39 -5.78
CA GLU A 241 24.07 12.84 -5.88
C GLU A 241 22.87 13.60 -5.28
N LEU A 242 23.15 14.46 -4.31
CA LEU A 242 22.12 15.28 -3.68
C LEU A 242 21.72 16.43 -4.63
N PRO A 243 20.56 17.07 -4.39
CA PRO A 243 20.11 18.17 -5.24
C PRO A 243 21.17 19.23 -5.52
N ASP A 244 21.98 19.56 -4.52
CA ASP A 244 23.00 20.61 -4.65
C ASP A 244 24.30 20.12 -5.28
N GLY A 245 24.40 18.84 -5.62
CA GLY A 245 25.56 18.29 -6.32
C GLY A 245 26.53 17.50 -5.46
N GLN A 246 26.41 17.59 -4.14
CA GLN A 246 27.24 16.78 -3.25
C GLN A 246 26.98 15.30 -3.53
N VAL A 247 28.06 14.53 -3.57
CA VAL A 247 27.98 13.09 -3.77
C VAL A 247 28.26 12.42 -2.44
N ILE A 248 27.35 11.54 -2.03
CA ILE A 248 27.54 10.74 -0.83
C ILE A 248 27.64 9.26 -1.18
N THR A 249 28.08 8.47 -0.21
CA THR A 249 28.24 7.03 -0.38
C THR A 249 27.30 6.30 0.57
N ILE A 250 26.53 5.38 -0.01
CA ILE A 250 25.62 4.52 0.74
C ILE A 250 26.21 3.12 0.68
N GLY A 251 26.40 2.50 1.85
CA GLY A 251 26.97 1.15 1.94
C GLY A 251 25.97 0.15 2.49
N ASN A 252 26.25 -0.41 3.67
CA ASN A 252 25.36 -1.39 4.27
C ASN A 252 23.97 -0.86 4.61
N GLU A 253 23.81 0.45 4.64
CA GLU A 253 22.49 1.04 4.81
C GLU A 253 21.51 0.58 3.73
N ARG A 254 22.03 0.26 2.54
CA ARG A 254 21.20 -0.20 1.45
C ARG A 254 20.33 -1.39 1.84
N PHE A 255 20.91 -2.36 2.57
CA PHE A 255 20.13 -3.53 2.99
C PHE A 255 19.71 -3.49 4.46
N ARG A 256 20.40 -2.73 5.29
CA ARG A 256 19.99 -2.59 6.71
C ARG A 256 18.61 -1.95 6.85
N CYS A 257 18.29 -1.01 5.97
CA CYS A 257 16.98 -0.34 6.00
C CYS A 257 15.78 -1.34 5.85
N PRO A 258 15.67 -2.03 4.71
CA PRO A 258 14.53 -2.98 4.60
C PRO A 258 14.64 -4.23 5.45
N GLU A 259 15.83 -4.53 5.96
CA GLU A 259 15.97 -5.65 6.91
C GLU A 259 14.98 -5.50 8.06
N THR A 260 14.62 -4.27 8.40
CA THR A 260 13.67 -3.99 9.48
C THR A 260 12.33 -4.74 9.29
N LEU A 261 11.94 -4.98 8.03
CA LEU A 261 10.71 -5.72 7.77
C LEU A 261 10.77 -7.13 8.34
N PHE A 262 11.97 -7.73 8.30
CA PHE A 262 12.19 -9.08 8.80
C PHE A 262 12.55 -9.08 10.29
N GLN A 263 13.11 -7.99 10.76
CA GLN A 263 13.51 -7.85 12.17
C GLN A 263 13.14 -6.46 12.69
N PRO A 264 11.85 -6.28 13.06
CA PRO A 264 11.37 -4.98 13.53
C PRO A 264 12.09 -4.42 14.76
N SER A 265 12.82 -5.25 15.49
CA SER A 265 13.57 -4.78 16.66
C SER A 265 14.61 -3.73 16.29
N PHE A 266 15.04 -3.69 15.03
CA PHE A 266 16.00 -2.66 14.63
C PHE A 266 15.48 -1.23 14.90
N ILE A 267 14.16 -1.05 14.90
CA ILE A 267 13.54 0.24 15.24
C ILE A 267 12.73 0.14 16.55
N GLY A 268 13.05 -0.84 17.38
CA GLY A 268 12.46 -0.97 18.72
C GLY A 268 11.05 -1.49 18.79
N MET A 269 10.59 -2.08 17.69
CA MET A 269 9.31 -2.76 17.66
C MET A 269 9.52 -4.21 17.97
N GLU A 270 8.67 -4.73 18.86
CA GLU A 270 8.77 -6.12 19.29
C GLU A 270 8.01 -7.11 18.40
N SER A 271 7.22 -6.59 17.44
CA SER A 271 6.49 -7.43 16.49
C SER A 271 7.32 -8.47 15.75
N ALA A 272 6.66 -9.58 15.43
CA ALA A 272 7.15 -10.54 14.46
C ALA A 272 7.45 -9.83 13.14
N GLY A 273 8.48 -10.30 12.46
CA GLY A 273 8.78 -9.84 11.09
C GLY A 273 7.82 -10.43 10.07
N ILE A 274 7.90 -9.92 8.84
CA ILE A 274 6.91 -10.26 7.80
C ILE A 274 6.87 -11.73 7.43
N HIS A 275 7.98 -12.44 7.55
CA HIS A 275 7.96 -13.89 7.31
C HIS A 275 7.18 -14.62 8.40
N GLU A 276 7.35 -14.16 9.63
CA GLU A 276 6.67 -14.77 10.78
C GLU A 276 5.16 -14.46 10.81
N THR A 277 4.80 -13.23 10.48
CA THR A 277 3.38 -12.86 10.40
C THR A 277 2.70 -13.66 9.29
N THR A 278 3.41 -13.90 8.19
CA THR A 278 2.87 -14.70 7.10
C THR A 278 2.58 -16.11 7.57
N TYR A 279 3.57 -16.73 8.21
CA TYR A 279 3.40 -18.06 8.77
C TYR A 279 2.26 -18.08 9.80
N ASN A 280 2.26 -17.11 10.72
CA ASN A 280 1.25 -17.09 11.76
C ASN A 280 -0.17 -16.96 11.18
N SER A 281 -0.30 -16.17 10.12
CA SER A 281 -1.60 -15.96 9.47
C SER A 281 -2.11 -17.25 8.82
N ILE A 282 -1.22 -17.94 8.11
CA ILE A 282 -1.52 -19.24 7.52
C ILE A 282 -2.00 -20.23 8.58
N MET A 283 -1.32 -20.25 9.72
CA MET A 283 -1.66 -21.17 10.81
C MET A 283 -2.95 -20.84 11.56
N LYS A 284 -3.52 -19.66 11.32
CA LYS A 284 -4.85 -19.32 11.83
C LYS A 284 -5.95 -19.85 10.91
N CYS A 285 -5.60 -20.28 9.71
CA CYS A 285 -6.59 -20.75 8.76
C CYS A 285 -6.83 -22.24 8.87
N ASP A 286 -7.97 -22.67 8.36
CA ASP A 286 -8.32 -24.09 8.29
C ASP A 286 -7.17 -24.87 7.68
N ILE A 287 -6.77 -25.94 8.35
CA ILE A 287 -5.69 -26.80 7.89
C ILE A 287 -5.83 -27.21 6.41
N ASP A 288 -7.07 -27.37 5.95
CA ASP A 288 -7.33 -27.82 4.59
C ASP A 288 -6.88 -26.88 3.49
N ILE A 289 -6.80 -25.58 3.78
CA ILE A 289 -6.42 -24.58 2.76
C ILE A 289 -4.98 -24.06 2.90
N ARG A 290 -4.26 -24.50 3.94
CA ARG A 290 -2.93 -23.96 4.18
C ARG A 290 -1.93 -24.21 3.04
N LYS A 291 -2.00 -25.36 2.36
CA LYS A 291 -1.09 -25.61 1.25
C LYS A 291 -1.34 -24.64 0.08
N ASP A 292 -2.62 -24.32 -0.14
CA ASP A 292 -3.01 -23.35 -1.15
C ASP A 292 -2.40 -21.99 -0.84
N LEU A 293 -2.38 -21.63 0.44
CA LEU A 293 -1.80 -20.34 0.85
C LEU A 293 -0.28 -20.34 0.69
N TYR A 294 0.40 -21.39 1.16
CA TYR A 294 1.85 -21.48 0.98
C TYR A 294 2.29 -21.40 -0.49
N ALA A 295 1.48 -21.98 -1.38
CA ALA A 295 1.83 -22.04 -2.78
C ALA A 295 1.44 -20.77 -3.55
N ASN A 296 0.82 -19.81 -2.86
CA ASN A 296 0.33 -18.59 -3.47
C ASN A 296 0.50 -17.36 -2.56
N ASN A 297 1.74 -17.11 -2.14
CA ASN A 297 2.10 -15.90 -1.39
C ASN A 297 2.33 -14.76 -2.35
N VAL A 298 1.45 -13.78 -2.37
CA VAL A 298 1.56 -12.68 -3.30
C VAL A 298 1.99 -11.41 -2.55
N MET A 299 3.01 -10.75 -3.07
CA MET A 299 3.49 -9.50 -2.49
C MET A 299 2.85 -8.32 -3.21
N SER A 300 2.39 -7.35 -2.44
CA SER A 300 1.84 -6.15 -3.01
C SER A 300 2.24 -4.91 -2.21
N GLY A 301 2.21 -3.76 -2.87
CA GLY A 301 2.49 -2.48 -2.25
C GLY A 301 3.92 -2.00 -2.44
N GLY A 302 4.12 -0.70 -2.32
CA GLY A 302 5.41 -0.10 -2.58
C GLY A 302 6.55 -0.59 -1.70
N THR A 303 6.25 -0.95 -0.46
CA THR A 303 7.30 -1.38 0.45
C THR A 303 7.71 -2.86 0.24
N THR A 304 7.04 -3.56 -0.68
CA THR A 304 7.53 -4.85 -1.14
C THR A 304 8.40 -4.75 -2.40
N MET A 305 8.70 -3.55 -2.85
CA MET A 305 9.45 -3.37 -4.10
C MET A 305 10.95 -3.64 -4.04
N TYR A 306 11.50 -3.87 -2.86
CA TYR A 306 12.94 -4.09 -2.72
C TYR A 306 13.41 -5.32 -3.50
N PRO A 307 14.43 -5.14 -4.37
CA PRO A 307 14.99 -6.31 -5.00
C PRO A 307 15.50 -7.28 -3.93
N GLY A 308 15.27 -8.57 -4.15
CA GLY A 308 15.71 -9.61 -3.24
C GLY A 308 14.64 -10.07 -2.27
N ILE A 309 13.55 -9.33 -2.17
CA ILE A 309 12.57 -9.63 -1.13
C ILE A 309 11.87 -10.98 -1.36
N ALA A 310 11.64 -11.38 -2.61
CA ALA A 310 10.99 -12.64 -2.89
C ALA A 310 11.87 -13.82 -2.53
N ASP A 311 13.14 -13.79 -2.93
CA ASP A 311 14.08 -14.86 -2.58
C ASP A 311 14.24 -14.98 -1.07
N ARG A 312 14.29 -13.84 -0.39
CA ARG A 312 14.43 -13.86 1.08
C ARG A 312 13.17 -14.44 1.73
N MET A 313 11.99 -14.03 1.28
CA MET A 313 10.77 -14.59 1.83
C MET A 313 10.72 -16.10 1.57
N GLN A 314 11.13 -16.54 0.40
CA GLN A 314 11.11 -17.96 0.06
C GLN A 314 11.97 -18.73 1.06
N LYS A 315 13.16 -18.21 1.31
CA LYS A 315 14.08 -18.80 2.28
C LYS A 315 13.49 -18.85 3.69
N GLU A 316 12.94 -17.73 4.16
CA GLU A 316 12.45 -17.65 5.54
C GLU A 316 11.21 -18.50 5.76
N ILE A 317 10.26 -18.46 4.83
CA ILE A 317 9.05 -19.27 4.96
C ILE A 317 9.41 -20.77 4.90
N THR A 318 10.37 -21.12 4.05
CA THR A 318 10.81 -22.51 3.92
C THR A 318 11.33 -23.02 5.26
N ALA A 319 12.07 -22.19 5.98
CA ALA A 319 12.60 -22.55 7.31
C ALA A 319 11.53 -22.76 8.37
N LEU A 320 10.38 -22.11 8.21
CA LEU A 320 9.30 -22.18 9.19
C LEU A 320 8.30 -23.30 8.90
N ALA A 321 8.14 -23.62 7.62
CA ALA A 321 7.08 -24.52 7.16
C ALA A 321 7.52 -25.97 7.27
N PRO A 322 6.56 -26.91 7.16
CA PRO A 322 6.96 -28.33 7.11
C PRO A 322 7.88 -28.62 5.92
N SER A 323 8.76 -29.62 6.06
CA SER A 323 9.78 -29.91 5.04
C SER A 323 9.22 -30.34 3.68
N THR A 324 8.01 -30.87 3.69
CA THR A 324 7.35 -31.33 2.48
C THR A 324 6.55 -30.23 1.74
N MET A 325 6.53 -29.01 2.28
CA MET A 325 5.59 -27.97 1.81
C MET A 325 6.08 -27.25 0.58
N LYS A 326 5.25 -27.19 -0.46
CA LYS A 326 5.58 -26.44 -1.68
C LYS A 326 5.29 -24.96 -1.41
N ILE A 327 6.29 -24.12 -1.63
CA ILE A 327 6.19 -22.69 -1.29
C ILE A 327 6.49 -21.88 -2.53
N LYS A 328 5.67 -20.85 -2.79
CA LYS A 328 5.89 -19.97 -3.93
C LYS A 328 5.57 -18.55 -3.55
N ILE A 329 6.52 -17.65 -3.82
CA ILE A 329 6.33 -16.22 -3.62
C ILE A 329 6.15 -15.58 -5.01
N ILE A 330 5.06 -14.84 -5.17
CA ILE A 330 4.77 -14.14 -6.42
C ILE A 330 4.90 -12.66 -6.13
N ALA A 331 5.86 -12.03 -6.79
CA ALA A 331 6.23 -10.62 -6.57
C ALA A 331 6.24 -9.92 -7.91
N PRO A 332 5.04 -9.59 -8.42
CA PRO A 332 4.94 -9.01 -9.76
C PRO A 332 5.61 -7.64 -9.86
N PRO A 333 6.22 -7.35 -11.00
CA PRO A 333 6.80 -6.03 -11.21
C PRO A 333 5.79 -4.88 -11.03
N GLU A 334 4.51 -5.17 -11.24
CA GLU A 334 3.44 -4.18 -11.16
C GLU A 334 2.97 -3.91 -9.73
N ARG A 335 3.66 -4.48 -8.74
CA ARG A 335 3.08 -4.51 -7.39
C ARG A 335 2.93 -3.17 -6.68
N LYS A 336 3.58 -2.11 -7.16
CA LYS A 336 3.28 -0.75 -6.67
C LYS A 336 1.84 -0.32 -6.97
N TYR A 337 1.27 -0.90 -8.02
CA TYR A 337 -0.03 -0.51 -8.53
C TYR A 337 -0.98 -1.70 -8.68
N SER A 338 -0.64 -2.86 -8.15
CA SER A 338 -1.49 -4.07 -8.31
C SER A 338 -2.88 -3.97 -7.65
N VAL A 339 -3.00 -3.22 -6.54
CA VAL A 339 -4.31 -3.00 -5.96
C VAL A 339 -5.18 -2.31 -7.00
N TRP A 340 -4.64 -1.24 -7.58
CA TRP A 340 -5.36 -0.49 -8.61
C TRP A 340 -5.73 -1.38 -9.80
N ILE A 341 -4.75 -2.12 -10.31
CA ILE A 341 -4.98 -3.05 -11.43
C ILE A 341 -6.10 -4.04 -11.12
N GLY A 342 -6.09 -4.62 -9.92
CA GLY A 342 -7.17 -5.53 -9.48
C GLY A 342 -8.53 -4.85 -9.54
N GLY A 343 -8.60 -3.58 -9.12
CA GLY A 343 -9.86 -2.84 -9.20
C GLY A 343 -10.29 -2.64 -10.63
N SER A 344 -9.32 -2.34 -11.48
CA SER A 344 -9.58 -2.11 -12.90
C SER A 344 -10.14 -3.35 -13.60
N ILE A 345 -9.52 -4.49 -13.37
CA ILE A 345 -9.99 -5.73 -13.99
C ILE A 345 -11.30 -6.21 -13.39
N LEU A 346 -11.52 -5.97 -12.10
CA LEU A 346 -12.78 -6.37 -11.47
C LEU A 346 -13.94 -5.53 -12.02
N ALA A 347 -13.76 -4.21 -12.06
CA ALA A 347 -14.81 -3.29 -12.49
C ALA A 347 -15.19 -3.49 -13.96
N SER A 348 -14.24 -4.01 -14.73
CA SER A 348 -14.37 -4.27 -16.18
C SER A 348 -15.02 -5.63 -16.50
N LEU A 349 -15.10 -6.50 -15.51
CA LEU A 349 -15.51 -7.88 -15.74
C LEU A 349 -17.03 -7.95 -15.95
N SER A 350 -17.47 -8.66 -16.99
CA SER A 350 -18.91 -8.81 -17.25
C SER A 350 -19.68 -9.31 -16.02
N THR A 351 -19.14 -10.29 -15.30
CA THR A 351 -19.84 -10.91 -14.17
C THR A 351 -19.93 -9.99 -12.94
N PHE A 352 -19.15 -8.91 -12.92
CA PHE A 352 -19.19 -7.96 -11.81
C PHE A 352 -20.33 -6.94 -11.90
N GLN A 353 -20.93 -6.77 -13.07
CA GLN A 353 -21.84 -5.64 -13.30
C GLN A 353 -23.12 -5.65 -12.44
N GLN A 354 -23.57 -6.84 -12.04
CA GLN A 354 -24.68 -6.97 -11.08
C GLN A 354 -24.28 -6.65 -9.65
N MET A 355 -22.99 -6.52 -9.38
CA MET A 355 -22.49 -6.37 -8.01
C MET A 355 -22.38 -4.93 -7.55
N TRP A 356 -22.37 -3.98 -8.49
CA TRP A 356 -22.35 -2.55 -8.13
C TRP A 356 -23.53 -2.27 -7.21
N ILE A 357 -23.32 -1.37 -6.24
CA ILE A 357 -24.42 -0.73 -5.52
C ILE A 357 -24.93 0.41 -6.42
N THR A 358 -26.18 0.37 -6.84
CA THR A 358 -26.75 1.44 -7.67
C THR A 358 -27.30 2.57 -6.81
N LYS A 359 -27.47 3.74 -7.42
CA LYS A 359 -28.08 4.89 -6.74
C LYS A 359 -29.44 4.54 -6.16
N GLN A 360 -30.22 3.76 -6.90
CA GLN A 360 -31.55 3.34 -6.43
C GLN A 360 -31.43 2.48 -5.20
N GLU A 361 -30.51 1.51 -5.23
CA GLU A 361 -30.27 0.64 -4.08
C GLU A 361 -29.86 1.45 -2.84
N TYR A 362 -29.03 2.47 -3.06
CA TYR A 362 -28.66 3.38 -1.97
C TYR A 362 -29.86 4.15 -1.42
N ASP A 363 -30.66 4.73 -2.31
CA ASP A 363 -31.81 5.54 -1.88
C ASP A 363 -32.81 4.72 -1.05
N GLU A 364 -32.87 3.42 -1.31
CA GLU A 364 -33.86 2.51 -0.68
C GLU A 364 -33.32 1.67 0.50
N ALA A 365 -32.05 1.86 0.84
CA ALA A 365 -31.47 1.18 2.00
C ALA A 365 -30.61 2.07 2.86
N GLY A 366 -30.02 3.13 2.28
CA GLY A 366 -29.08 3.97 3.01
C GLY A 366 -27.69 3.36 2.98
N PRO A 367 -26.73 4.03 3.64
CA PRO A 367 -25.33 3.61 3.62
C PRO A 367 -25.05 2.18 4.09
N SER A 368 -25.89 1.60 4.96
CA SER A 368 -25.57 0.25 5.43
C SER A 368 -25.79 -0.83 4.35
N ILE A 369 -26.29 -0.44 3.16
CA ILE A 369 -26.29 -1.35 1.99
C ILE A 369 -24.90 -1.89 1.66
N VAL A 370 -23.86 -1.14 2.04
CA VAL A 370 -22.49 -1.55 1.76
C VAL A 370 -22.10 -2.87 2.41
N HIS A 371 -22.70 -3.20 3.55
CA HIS A 371 -22.36 -4.46 4.25
C HIS A 371 -22.94 -5.68 3.57
N ARG A 372 -24.07 -5.47 2.89
CA ARG A 372 -24.75 -6.53 2.18
C ARG A 372 -24.11 -6.77 0.82
N LYS A 373 -23.84 -5.68 0.09
CA LYS A 373 -23.38 -5.80 -1.30
C LYS A 373 -21.86 -5.91 -1.45
N CYS A 374 -21.11 -5.40 -0.48
CA CYS A 374 -19.65 -5.39 -0.55
C CYS A 374 -19.08 -6.21 0.58
N PHE A 375 -19.17 -7.53 0.42
#